data_5A2I
#
_entry.id   5A2I
#
_cell.length_a   33.181
_cell.length_b   66.006
_cell.length_c   90.290
_cell.angle_alpha   90.00
_cell.angle_beta   90.00
_cell.angle_gamma   90.00
#
_symmetry.space_group_name_H-M   'P 21 21 21'
#
loop_
_entity.id
_entity.type
_entity.pdbx_description
1 polymer 'IG LAMBDA-1 CHAIN V REGION S43'
2 polymer 'ANTIGEN TN, SER IS COVALENTLY BOUND TO GALNAC'
3 non-polymer 1,2-ETHANEDIOL
4 non-polymer 2-acetamido-2-deoxy-alpha-D-galactopyranose
5 water water
#
loop_
_entity_poly.entity_id
_entity_poly.type
_entity_poly.pdbx_seq_one_letter_code
_entity_poly.pdbx_strand_id
1 'polypeptide(L)'
;QVQLQESGGGLVQPGGSMKLSCVASGFTFSNYWMNWVRQSPEKGLEWVAEIRLKSNNYATHYAESVKGRFTISRDDSKSS
VYLQMNNLRAEDTGIYYCTGVGQFAYWGQGTTVTVSASSGGGGSGGGGGSSGSSDIVVTQESALTTSPGETVTLTCRSST
GAVTTSNYANWVQEKPDHLFTGLIGGTNNRAPGVPARFSGSLIGDKAALTITGAQTEDEAIYFCALWYSNHWVFGGGTKL
TVLG
;
H
2 'polypeptide(L)' APDSRP P
#
# COMPACT_ATOMS: atom_id res chain seq x y z
N GLN A 1 13.80 6.23 -13.11
CA GLN A 1 12.56 6.00 -12.31
C GLN A 1 11.86 4.72 -12.76
N VAL A 2 11.44 3.93 -11.78
CA VAL A 2 10.40 2.92 -11.97
C VAL A 2 9.10 3.67 -12.24
N GLN A 3 8.16 3.03 -12.92
CA GLN A 3 6.86 3.65 -13.15
C GLN A 3 5.73 2.59 -13.20
N LEU A 4 4.64 2.85 -12.46
CA LEU A 4 3.43 2.13 -12.57
C LEU A 4 2.37 3.15 -12.89
N GLN A 5 1.53 2.86 -13.89
CA GLN A 5 0.57 3.82 -14.37
C GLN A 5 -0.75 3.10 -14.58
N GLU A 6 -1.75 3.51 -13.80
CA GLU A 6 -3.06 2.92 -13.86
C GLU A 6 -3.93 3.64 -14.86
N SER A 7 -4.91 2.91 -15.38
CA SER A 7 -5.93 3.55 -16.20
C SER A 7 -7.24 2.82 -16.12
N GLY A 8 -8.29 3.47 -16.61
CA GLY A 8 -9.57 2.79 -16.84
C GLY A 8 -10.63 3.24 -15.84
N GLY A 9 -10.24 4.09 -14.90
CA GLY A 9 -11.20 4.59 -13.93
C GLY A 9 -12.18 5.58 -14.55
N GLY A 10 -13.16 6.03 -13.78
CA GLY A 10 -14.11 6.99 -14.26
C GLY A 10 -15.35 7.01 -13.41
N LEU A 11 -16.52 7.08 -14.06
CA LEU A 11 -17.81 7.23 -13.42
C LEU A 11 -18.66 6.04 -13.83
N VAL A 12 -19.25 5.37 -12.86
CA VAL A 12 -20.08 4.20 -13.07
C VAL A 12 -21.33 4.26 -12.17
N GLN A 13 -22.37 3.60 -12.61
CA GLN A 13 -23.63 3.56 -11.94
C GLN A 13 -23.61 2.32 -11.04
N PRO A 14 -24.28 2.33 -9.87
CA PRO A 14 -24.31 1.12 -9.11
C PRO A 14 -24.83 -0.02 -9.94
N GLY A 15 -24.20 -1.20 -9.85
CA GLY A 15 -24.63 -2.41 -10.58
C GLY A 15 -23.72 -2.56 -11.79
N GLY A 16 -23.02 -1.47 -12.09
CA GLY A 16 -22.09 -1.43 -13.22
C GLY A 16 -20.80 -2.21 -13.11
N SER A 17 -20.02 -2.16 -14.19
CA SER A 17 -18.81 -2.96 -14.37
C SER A 17 -17.68 -2.10 -14.89
N MET A 18 -16.43 -2.39 -14.52
CA MET A 18 -15.30 -1.54 -14.95
C MET A 18 -14.06 -2.38 -14.86
N LYS A 19 -13.14 -2.21 -15.80
CA LYS A 19 -11.86 -2.93 -15.75
C LYS A 19 -10.73 -1.92 -15.65
N LEU A 20 -9.84 -2.10 -14.67
CA LEU A 20 -8.76 -1.19 -14.53
C LEU A 20 -7.56 -1.84 -15.06
N SER A 21 -6.66 -1.02 -15.61
CA SER A 21 -5.34 -1.52 -15.99
C SER A 21 -4.20 -0.82 -15.27
N CYS A 22 -3.09 -1.53 -15.18
CA CYS A 22 -1.83 -0.94 -14.72
C CYS A 22 -0.60 -1.47 -15.45
N VAL A 23 0.14 -0.56 -16.06
CA VAL A 23 1.35 -0.97 -16.81
C VAL A 23 2.59 -0.55 -16.03
N ALA A 24 3.49 -1.52 -15.88
CA ALA A 24 4.77 -1.37 -15.21
C ALA A 24 5.90 -1.07 -16.16
N SER A 25 6.79 -0.17 -15.79
CA SER A 25 7.99 -0.01 -16.56
C SER A 25 9.20 0.30 -15.69
N GLY A 26 10.37 -0.04 -16.21
CA GLY A 26 11.62 0.36 -15.61
C GLY A 26 12.14 -0.63 -14.60
N PHE A 27 11.48 -1.79 -14.49
CA PHE A 27 11.96 -2.89 -13.66
C PHE A 27 11.41 -4.20 -14.18
N THR A 28 11.89 -5.34 -13.64
CA THR A 28 11.45 -6.67 -14.08
C THR A 28 10.09 -7.07 -13.46
N PHE A 29 9.04 -6.58 -14.09
CA PHE A 29 7.67 -6.77 -13.65
C PHE A 29 7.31 -8.20 -13.24
N SER A 30 7.71 -9.17 -14.06
CA SER A 30 7.25 -10.54 -13.87
C SER A 30 7.91 -11.28 -12.71
N ASN A 31 8.86 -10.65 -12.02
CA ASN A 31 9.50 -11.23 -10.83
C ASN A 31 8.81 -10.93 -9.48
N TYR A 32 7.76 -10.11 -9.53
CA TYR A 32 7.13 -9.60 -8.32
C TYR A 32 5.61 -9.84 -8.30
N TRP A 33 5.08 -10.06 -7.11
CA TRP A 33 3.64 -10.08 -6.97
C TRP A 33 3.14 -8.68 -7.11
N MET A 34 1.88 -8.56 -7.47
CA MET A 34 1.23 -7.27 -7.54
C MET A 34 -0.06 -7.29 -6.78
N ASN A 35 -0.50 -6.08 -6.41
CA ASN A 35 -1.64 -5.88 -5.52
C ASN A 35 -2.43 -4.69 -6.02
N TRP A 36 -3.73 -4.69 -5.74
CA TRP A 36 -4.53 -3.50 -5.88
C TRP A 36 -4.91 -3.11 -4.46
N VAL A 37 -4.83 -1.81 -4.24
CA VAL A 37 -5.20 -1.19 -2.97
C VAL A 37 -6.05 0.04 -3.31
N ARG A 38 -7.03 0.32 -2.46
CA ARG A 38 -7.90 1.41 -2.75
C ARG A 38 -8.01 2.34 -1.57
N GLN A 39 -8.05 3.64 -1.87
CA GLN A 39 -8.08 4.60 -0.81
C GLN A 39 -9.49 5.01 -0.36
N SER A 40 -10.29 5.68 -1.14
CA SER A 40 -11.64 6.01 -0.57
C SER A 40 -11.79 7.35 0.11
N PRO A 41 -13.02 7.93 0.03
CA PRO A 41 -13.20 9.33 0.39
C PRO A 41 -12.93 9.62 1.85
N GLU A 42 -13.08 8.61 2.72
CA GLU A 42 -12.82 8.79 4.17
C GLU A 42 -11.32 8.81 4.47
N LYS A 43 -10.48 8.98 3.45
CA LYS A 43 -9.08 8.71 3.58
C LYS A 43 -8.97 7.23 4.03
N GLY A 44 -7.77 6.67 4.11
CA GLY A 44 -7.69 5.31 4.59
C GLY A 44 -7.64 4.29 3.46
N LEU A 45 -6.78 3.30 3.64
CA LEU A 45 -6.40 2.39 2.63
C LEU A 45 -6.94 1.05 2.93
N GLU A 46 -7.36 0.37 1.88
CA GLU A 46 -7.86 -0.96 1.98
C GLU A 46 -7.22 -1.84 0.90
N TRP A 47 -6.58 -2.91 1.32
CA TRP A 47 -6.02 -3.84 0.36
C TRP A 47 -7.14 -4.61 -0.28
N VAL A 48 -7.01 -4.88 -1.59
CA VAL A 48 -8.12 -5.40 -2.38
C VAL A 48 -7.81 -6.80 -2.91
N ALA A 49 -6.65 -6.98 -3.51
CA ALA A 49 -6.28 -8.26 -4.11
C ALA A 49 -4.78 -8.30 -4.37
N GLU A 50 -4.23 -9.52 -4.43
CA GLU A 50 -2.89 -9.75 -4.87
C GLU A 50 -2.89 -10.82 -5.96
N ILE A 51 -1.82 -10.84 -6.74
CA ILE A 51 -1.59 -11.94 -7.64
C ILE A 51 -0.12 -12.26 -7.66
N ARG A 52 0.19 -13.54 -7.62
CA ARG A 52 1.58 -13.93 -7.56
C ARG A 52 2.18 -14.26 -8.91
N LEU A 53 3.19 -15.10 -8.94
CA LEU A 53 3.91 -15.34 -10.17
C LEU A 53 3.45 -16.54 -10.96
N LYS A 54 3.91 -16.55 -12.20
CA LYS A 54 3.79 -17.66 -13.12
C LYS A 54 4.11 -18.94 -12.42
N SER A 55 5.24 -18.97 -11.74
CA SER A 55 5.63 -20.17 -11.01
C SER A 55 4.66 -20.57 -9.94
N ASN A 56 3.79 -19.65 -9.54
CA ASN A 56 2.74 -19.95 -8.59
C ASN A 56 1.44 -20.21 -9.31
N ASN A 57 1.51 -20.25 -10.62
CA ASN A 57 0.33 -20.35 -11.43
C ASN A 57 -0.55 -19.15 -11.19
N TYR A 58 0.07 -18.01 -10.96
CA TYR A 58 -0.66 -16.75 -10.91
C TYR A 58 -1.80 -16.83 -9.88
N ALA A 59 -1.54 -17.47 -8.73
CA ALA A 59 -2.52 -17.58 -7.64
C ALA A 59 -2.91 -16.21 -7.10
N THR A 60 -4.15 -16.07 -6.71
CA THR A 60 -4.70 -14.78 -6.34
C THR A 60 -5.40 -14.85 -4.97
N HIS A 61 -5.49 -13.71 -4.28
CA HIS A 61 -6.28 -13.64 -3.06
C HIS A 61 -6.97 -12.29 -3.07
N TYR A 62 -8.16 -12.26 -2.48
CA TYR A 62 -9.02 -11.10 -2.48
C TYR A 62 -9.46 -10.81 -1.08
N ALA A 63 -9.74 -9.54 -0.81
CA ALA A 63 -10.41 -9.14 0.41
C ALA A 63 -11.84 -9.65 0.35
N GLU A 64 -12.42 -10.05 1.48
CA GLU A 64 -13.80 -10.56 1.44
C GLU A 64 -14.82 -9.58 0.87
N SER A 65 -14.60 -8.28 1.01
CA SER A 65 -15.58 -7.28 0.51
C SER A 65 -15.77 -7.33 -1.01
N VAL A 66 -14.74 -7.80 -1.71
CA VAL A 66 -14.77 -7.81 -3.17
C VAL A 66 -14.77 -9.22 -3.73
N LYS A 67 -14.66 -10.23 -2.87
CA LYS A 67 -14.55 -11.61 -3.33
C LYS A 67 -15.79 -11.98 -4.17
N GLY A 68 -15.55 -12.48 -5.38
CA GLY A 68 -16.67 -12.87 -6.24
C GLY A 68 -17.27 -11.74 -7.07
N ARG A 69 -16.83 -10.52 -6.88
CA ARG A 69 -17.19 -9.42 -7.78
C ARG A 69 -15.98 -8.96 -8.57
N PHE A 70 -14.78 -9.02 -7.96
CA PHE A 70 -13.56 -8.51 -8.62
C PHE A 70 -12.69 -9.66 -9.07
N THR A 71 -11.97 -9.44 -10.18
CA THR A 71 -10.95 -10.38 -10.66
C THR A 71 -9.62 -9.68 -11.01
N ILE A 72 -8.54 -10.15 -10.40
CA ILE A 72 -7.20 -9.66 -10.69
C ILE A 72 -6.52 -10.62 -11.65
N SER A 73 -5.77 -10.03 -12.59
CA SER A 73 -5.05 -10.85 -13.55
C SER A 73 -3.84 -10.09 -14.00
N ARG A 74 -2.93 -10.76 -14.69
CA ARG A 74 -1.73 -10.08 -15.19
C ARG A 74 -1.31 -10.59 -16.54
N ASP A 75 -0.59 -9.75 -17.27
CA ASP A 75 0.02 -10.18 -18.54
C ASP A 75 1.48 -9.79 -18.57
N ASP A 76 2.36 -10.72 -18.27
CA ASP A 76 3.78 -10.41 -18.13
C ASP A 76 4.47 -9.89 -19.40
N SER A 77 4.11 -10.43 -20.55
CA SER A 77 4.74 -9.92 -21.78
C SER A 77 4.25 -8.50 -22.07
N LYS A 78 3.17 -8.07 -21.40
CA LYS A 78 2.72 -6.64 -21.43
C LYS A 78 3.10 -5.81 -20.20
N SER A 79 3.77 -6.40 -19.23
CA SER A 79 4.09 -5.70 -17.97
C SER A 79 2.86 -5.13 -17.28
N SER A 80 1.74 -5.84 -17.37
CA SER A 80 0.43 -5.32 -16.93
C SER A 80 -0.33 -6.19 -15.92
N VAL A 81 -1.10 -5.50 -15.08
CA VAL A 81 -1.94 -6.16 -14.11
C VAL A 81 -3.28 -5.49 -14.27
N TYR A 82 -4.34 -6.25 -14.00
CA TYR A 82 -5.68 -5.88 -14.27
C TYR A 82 -6.61 -6.15 -13.11
N LEU A 83 -7.65 -5.34 -13.00
CA LEU A 83 -8.68 -5.54 -11.98
C LEU A 83 -10.03 -5.34 -12.67
N GLN A 84 -10.70 -6.46 -12.89
CA GLN A 84 -12.02 -6.49 -13.43
C GLN A 84 -12.97 -6.34 -12.27
N MET A 85 -13.81 -5.31 -12.33
CA MET A 85 -14.77 -5.03 -11.24
C MET A 85 -16.19 -5.06 -11.76
N ASN A 86 -17.15 -6.19 -11.12
CA ASN A 86 -18.55 -6.37 -11.44
C ASN A 86 -19.34 -6.09 -10.21
N ASN A 87 -20.84 -5.49 -10.54
CA ASN A 87 -21.78 -5.42 -9.43
C ASN A 87 -21.38 -4.30 -8.48
N LEU A 88 -20.57 -3.15 -9.16
CA LEU A 88 -20.02 -2.13 -8.26
C LEU A 88 -21.08 -1.61 -7.31
N ARG A 89 -20.67 -1.10 -6.16
CA ARG A 89 -21.60 -0.40 -5.28
C ARG A 89 -20.99 0.89 -4.76
N ALA A 90 -21.81 1.71 -4.12
CA ALA A 90 -21.33 3.07 -3.71
C ALA A 90 -20.04 3.00 -2.91
N GLU A 91 -19.96 2.00 -2.06
CA GLU A 91 -18.81 1.81 -1.20
C GLU A 91 -17.55 1.30 -1.92
N ASP A 92 -17.61 1.02 -3.20
CA ASP A 92 -16.39 0.77 -3.96
C ASP A 92 -15.74 2.06 -4.48
N THR A 93 -16.40 3.20 -4.30
CA THR A 93 -15.85 4.50 -4.70
C THR A 93 -14.50 4.74 -4.05
N GLY A 94 -13.50 5.13 -4.84
CA GLY A 94 -12.22 5.54 -4.28
C GLY A 94 -11.17 5.68 -5.33
N ILE A 95 -9.94 5.85 -4.87
CA ILE A 95 -8.81 5.84 -5.78
C ILE A 95 -8.13 4.50 -5.65
N TYR A 96 -7.98 3.83 -6.79
CA TYR A 96 -7.38 2.52 -6.86
C TYR A 96 -5.92 2.63 -7.31
N TYR A 97 -5.04 1.88 -6.67
CA TYR A 97 -3.62 1.88 -7.03
C TYR A 97 -3.16 0.44 -7.25
N CYS A 98 -2.28 0.21 -8.23
CA CYS A 98 -1.50 -1.06 -8.31
C CYS A 98 -0.19 -0.77 -7.56
N THR A 99 0.28 -1.73 -6.80
CA THR A 99 1.43 -1.50 -5.97
C THR A 99 2.07 -2.82 -5.70
N GLY A 100 3.39 -2.79 -5.63
CA GLY A 100 4.13 -3.98 -5.23
C GLY A 100 5.59 -3.70 -4.96
N VAL A 101 6.32 -4.80 -4.76
CA VAL A 101 7.78 -4.80 -4.57
C VAL A 101 8.19 -4.46 -3.14
N GLY A 102 8.61 -5.49 -2.41
CA GLY A 102 9.23 -5.36 -1.10
C GLY A 102 8.63 -4.58 0.07
N GLN A 103 7.32 -4.63 0.37
CA GLN A 103 6.27 -5.25 -0.43
C GLN A 103 5.34 -4.22 -1.09
N PHE A 104 5.48 -2.92 -0.75
CA PHE A 104 4.66 -1.85 -1.35
C PHE A 104 5.59 -0.69 -1.63
N ALA A 105 6.98 -0.93 -2.20
CA ALA A 105 7.91 0.08 -2.62
C ALA A 105 7.23 1.01 -3.62
N TYR A 106 6.55 0.43 -4.62
CA TYR A 106 6.07 1.23 -5.74
C TYR A 106 4.58 1.27 -5.89
N TRP A 107 4.08 2.45 -6.25
CA TRP A 107 2.70 2.75 -6.35
C TRP A 107 2.48 3.55 -7.61
N GLY A 108 1.36 3.27 -8.30
CA GLY A 108 0.91 4.12 -9.41
C GLY A 108 0.36 5.48 -8.99
N GLN A 109 -0.03 6.31 -9.94
CA GLN A 109 -0.57 7.61 -9.59
C GLN A 109 -1.97 7.49 -9.02
N GLY A 110 -2.60 6.34 -9.21
CA GLY A 110 -3.99 6.11 -8.82
C GLY A 110 -4.95 6.43 -9.96
N THR A 111 -5.97 5.59 -10.14
CA THR A 111 -7.11 5.91 -11.03
C THR A 111 -8.42 6.00 -10.20
N THR A 112 -9.19 7.09 -10.38
CA THR A 112 -10.41 7.32 -9.61
C THR A 112 -11.63 6.57 -10.15
N VAL A 113 -12.35 5.95 -9.23
CA VAL A 113 -13.57 5.20 -9.54
C VAL A 113 -14.65 5.82 -8.68
N THR A 114 -15.65 6.42 -9.32
CA THR A 114 -16.77 6.92 -8.62
C THR A 114 -17.98 6.13 -9.02
N VAL A 115 -18.66 5.53 -8.04
CA VAL A 115 -19.89 4.82 -8.27
C VAL A 115 -21.07 5.57 -7.71
N SER A 116 -21.89 6.15 -8.58
CA SER A 116 -22.90 7.16 -8.20
C SER A 116 -24.26 7.05 -8.92
N VAL A 137 -7.46 -5.82 13.80
CA VAL A 137 -7.40 -4.36 13.54
C VAL A 137 -5.95 -3.90 13.72
N VAL A 138 -5.60 -2.86 12.97
CA VAL A 138 -4.27 -2.35 13.01
C VAL A 138 -4.42 -0.93 13.43
N THR A 139 -3.73 -0.55 14.52
CA THR A 139 -3.87 0.73 15.18
C THR A 139 -2.59 1.56 15.09
N GLN A 140 -2.74 2.79 14.66
CA GLN A 140 -1.66 3.80 14.57
C GLN A 140 -2.03 5.05 15.35
N GLU A 141 -1.05 5.82 15.75
CA GLU A 141 -1.30 7.16 16.29
C GLU A 141 -2.12 7.99 15.32
N SER A 142 -3.03 8.79 15.83
CA SER A 142 -3.83 9.61 14.91
C SER A 142 -3.01 10.72 14.26
N ALA A 143 -2.34 11.51 15.09
CA ALA A 143 -1.59 12.64 14.55
C ALA A 143 -0.40 12.98 15.42
N LEU A 144 0.65 13.46 14.76
CA LEU A 144 1.90 13.86 15.43
C LEU A 144 2.45 15.15 14.79
N THR A 145 3.05 16.02 15.61
CA THR A 145 3.66 17.25 15.12
C THR A 145 5.11 17.21 15.45
N THR A 146 5.92 17.58 14.46
CA THR A 146 7.35 17.63 14.64
C THR A 146 7.92 18.85 13.97
N SER A 147 9.23 18.96 14.00
CA SER A 147 9.89 20.00 13.21
C SER A 147 11.23 19.51 12.78
N PRO A 148 11.86 20.24 11.87
CA PRO A 148 13.08 19.65 11.29
C PRO A 148 14.16 19.37 12.32
N GLY A 149 14.74 18.16 12.25
CA GLY A 149 15.78 17.78 13.19
C GLY A 149 15.33 17.15 14.48
N GLU A 150 14.03 17.12 14.77
CA GLU A 150 13.50 16.31 15.83
C GLU A 150 13.43 14.83 15.38
N THR A 151 13.37 13.91 16.33
CA THR A 151 13.18 12.49 16.02
C THR A 151 11.77 12.12 16.40
N VAL A 152 11.10 11.36 15.57
CA VAL A 152 9.72 10.99 15.88
C VAL A 152 9.53 9.52 15.59
N THR A 153 8.71 8.88 16.40
CA THR A 153 8.43 7.49 16.30
C THR A 153 6.93 7.27 16.11
N LEU A 154 6.61 6.45 15.12
CA LEU A 154 5.24 6.04 14.83
C LEU A 154 5.12 4.55 15.08
N THR A 155 3.96 4.11 15.55
CA THR A 155 3.81 2.72 15.96
C THR A 155 2.61 2.11 15.25
N CYS A 156 2.63 0.80 15.18
CA CYS A 156 1.66 0.00 14.47
C CYS A 156 1.40 -1.23 15.32
N ARG A 157 0.21 -1.30 15.89
CA ARG A 157 -0.13 -2.35 16.86
C ARG A 157 -1.22 -3.24 16.28
N SER A 158 -1.23 -4.51 16.70
CA SER A 158 -2.17 -5.54 16.22
C SER A 158 -3.07 -5.91 17.41
N SER A 159 -4.36 -5.96 17.19
CA SER A 159 -5.31 -6.42 18.20
C SER A 159 -5.33 -7.91 18.35
N THR A 160 -4.83 -8.61 17.36
CA THR A 160 -4.88 -10.05 17.40
C THR A 160 -3.81 -10.64 18.29
N GLY A 161 -2.84 -9.83 18.68
CA GLY A 161 -1.70 -10.27 19.43
C GLY A 161 -0.46 -9.50 19.08
N ALA A 162 0.70 -10.10 19.28
CA ALA A 162 1.93 -9.40 19.08
C ALA A 162 2.32 -9.28 17.64
N VAL A 163 2.88 -8.13 17.25
CA VAL A 163 3.43 -7.98 15.92
C VAL A 163 4.78 -8.66 15.93
N THR A 164 5.07 -9.44 14.91
CA THR A 164 6.35 -10.13 14.77
C THR A 164 6.91 -10.00 13.37
N THR A 165 8.10 -10.50 13.14
CA THR A 165 8.61 -10.45 11.80
C THR A 165 7.75 -11.21 10.80
N SER A 166 6.92 -12.17 11.28
CA SER A 166 6.04 -12.88 10.38
C SER A 166 4.94 -12.03 9.82
N ASN A 167 4.70 -10.85 10.41
CA ASN A 167 3.74 -9.87 9.83
C ASN A 167 4.33 -8.97 8.77
N TYR A 168 5.61 -9.12 8.43
CA TYR A 168 6.26 -8.33 7.36
C TYR A 168 5.79 -6.85 7.31
N ALA A 169 5.81 -6.18 8.46
CA ALA A 169 5.31 -4.79 8.50
C ALA A 169 5.87 -3.94 7.39
N ASN A 170 5.00 -3.22 6.70
CA ASN A 170 5.43 -2.20 5.71
C ASN A 170 5.01 -0.83 6.20
N TRP A 171 5.77 0.16 5.81
CA TRP A 171 5.40 1.54 5.97
C TRP A 171 5.38 2.27 4.65
N VAL A 172 4.33 3.07 4.43
CA VAL A 172 4.12 3.73 3.18
C VAL A 172 3.76 5.19 3.46
N GLN A 173 4.25 6.09 2.60
CA GLN A 173 4.07 7.50 2.79
C GLN A 173 3.14 8.03 1.73
N GLU A 174 2.15 8.80 2.18
CA GLU A 174 1.26 9.49 1.30
C GLU A 174 1.51 10.97 1.44
N LYS A 175 2.13 11.56 0.45
CA LYS A 175 2.33 12.98 0.48
C LYS A 175 1.06 13.66 -0.01
N PRO A 176 0.92 14.96 0.30
CA PRO A 176 -0.10 15.78 -0.36
C PRO A 176 0.02 15.61 -1.86
N ASP A 177 -0.97 15.02 -2.49
CA ASP A 177 -2.16 14.52 -1.85
C ASP A 177 -2.36 13.36 -2.79
N HIS A 178 -2.40 12.14 -2.25
CA HIS A 178 -2.53 10.91 -3.05
C HIS A 178 -1.24 10.39 -3.73
N LEU A 179 -0.09 10.98 -3.44
CA LEU A 179 1.23 10.50 -3.88
C LEU A 179 1.86 9.51 -2.87
N PHE A 180 1.78 8.23 -3.19
CA PHE A 180 2.18 7.16 -2.30
C PHE A 180 3.53 6.64 -2.68
N THR A 181 4.39 6.40 -1.70
CA THR A 181 5.60 5.61 -1.97
C THR A 181 5.93 4.74 -0.78
N GLY A 182 6.42 3.54 -1.02
CA GLY A 182 6.79 2.62 0.07
C GLY A 182 8.12 3.03 0.72
N LEU A 183 8.19 3.02 2.04
CA LEU A 183 9.41 3.38 2.74
C LEU A 183 10.15 2.15 3.26
N ILE A 184 9.40 1.29 3.92
CA ILE A 184 9.93 0.14 4.59
C ILE A 184 9.14 -1.11 4.25
N GLY A 185 9.82 -2.24 4.13
CA GLY A 185 9.13 -3.54 3.95
C GLY A 185 9.85 -4.56 4.78
N GLY A 186 9.28 -5.74 4.97
CA GLY A 186 9.90 -6.83 5.77
C GLY A 186 10.39 -6.38 7.12
N THR A 187 9.59 -5.54 7.76
CA THR A 187 9.83 -5.00 9.10
C THR A 187 10.92 -3.91 9.15
N ASN A 188 12.10 -4.17 8.61
CA ASN A 188 13.26 -3.27 8.79
C ASN A 188 14.15 -3.12 7.54
N ASN A 189 13.54 -3.17 6.36
CA ASN A 189 14.26 -2.99 5.11
C ASN A 189 13.75 -1.76 4.39
N ARG A 190 14.58 -0.71 4.34
CA ARG A 190 14.34 0.43 3.49
C ARG A 190 14.25 -0.04 2.06
N ALA A 191 13.20 0.40 1.35
CA ALA A 191 13.08 0.17 -0.09
C ALA A 191 14.17 0.97 -0.81
N PRO A 192 14.47 0.63 -2.07
CA PRO A 192 15.63 1.30 -2.69
C PRO A 192 15.41 2.80 -2.90
N GLY A 193 16.45 3.59 -2.65
CA GLY A 193 16.36 5.01 -2.83
C GLY A 193 15.57 5.74 -1.75
N VAL A 194 15.12 5.04 -0.70
CA VAL A 194 14.41 5.74 0.35
C VAL A 194 15.42 6.44 1.27
N PRO A 195 15.16 7.68 1.67
CA PRO A 195 16.22 8.29 2.45
C PRO A 195 16.51 7.59 3.76
N ALA A 196 17.77 7.70 4.16
CA ALA A 196 18.28 6.99 5.30
C ALA A 196 17.61 7.38 6.62
N ARG A 197 17.05 8.58 6.73
CA ARG A 197 16.35 8.93 7.96
C ARG A 197 15.14 8.08 8.35
N PHE A 198 14.55 7.32 7.43
CA PHE A 198 13.43 6.45 7.74
C PHE A 198 13.98 5.07 8.16
N SER A 199 13.54 4.60 9.34
CA SER A 199 14.14 3.50 10.02
C SER A 199 13.00 2.64 10.55
N GLY A 200 12.94 1.36 10.14
CA GLY A 200 11.87 0.46 10.57
C GLY A 200 12.33 -0.45 11.66
N SER A 201 11.40 -0.78 12.56
CA SER A 201 11.73 -1.58 13.74
CA SER A 201 11.66 -1.46 13.83
C SER A 201 10.55 -2.44 14.26
N LEU A 202 10.90 -3.39 15.13
CA LEU A 202 9.94 -4.11 15.95
C LEU A 202 10.37 -3.67 17.32
N ILE A 203 9.43 -3.15 18.11
CA ILE A 203 9.69 -2.72 19.48
C ILE A 203 8.65 -3.26 20.46
N GLY A 204 9.08 -4.18 21.32
CA GLY A 204 8.15 -4.91 22.14
C GLY A 204 7.24 -5.65 21.19
N ASP A 205 5.94 -5.39 21.28
CA ASP A 205 4.98 -6.17 20.49
C ASP A 205 4.37 -5.38 19.31
N LYS A 206 4.98 -4.25 18.93
CA LYS A 206 4.46 -3.33 17.90
C LYS A 206 5.52 -3.25 16.82
N ALA A 207 5.13 -2.99 15.58
CA ALA A 207 6.09 -2.48 14.59
C ALA A 207 6.24 -0.96 14.76
N ALA A 208 7.35 -0.37 14.33
CA ALA A 208 7.48 1.07 14.43
C ALA A 208 8.36 1.61 13.34
N LEU A 209 8.09 2.85 12.99
CA LEU A 209 8.87 3.59 12.02
C LEU A 209 9.41 4.86 12.73
N THR A 210 10.73 5.08 12.64
CA THR A 210 11.38 6.24 13.27
C THR A 210 11.92 7.09 12.15
N ILE A 211 11.64 8.36 12.24
CA ILE A 211 12.31 9.35 11.38
C ILE A 211 13.34 10.01 12.21
N THR A 212 14.62 9.79 11.84
CA THR A 212 15.72 10.16 12.70
C THR A 212 16.26 11.49 12.21
N GLY A 213 15.54 12.52 12.58
CA GLY A 213 15.85 13.86 12.14
C GLY A 213 14.91 14.19 11.03
N ALA A 214 13.73 14.65 11.36
CA ALA A 214 12.74 14.94 10.34
C ALA A 214 13.20 16.12 9.45
N GLN A 215 12.73 16.11 8.20
CA GLN A 215 12.89 17.26 7.24
C GLN A 215 11.53 17.83 6.83
N THR A 216 11.50 19.04 6.29
CA THR A 216 10.26 19.73 5.98
CA THR A 216 10.24 19.70 6.02
C THR A 216 9.39 18.93 4.99
N GLU A 217 10.01 18.40 3.97
CA GLU A 217 9.34 17.51 3.02
C GLU A 217 8.70 16.18 3.56
N ASP A 218 8.78 15.90 4.86
CA ASP A 218 8.24 14.67 5.40
C ASP A 218 6.83 14.82 5.91
N GLU A 219 6.25 16.03 5.81
CA GLU A 219 4.86 16.22 6.10
C GLU A 219 4.04 15.35 5.15
N ALA A 220 3.21 14.47 5.71
CA ALA A 220 2.56 13.39 4.98
C ALA A 220 1.74 12.53 5.95
N ILE A 221 0.98 11.60 5.41
CA ILE A 221 0.30 10.60 6.20
C ILE A 221 1.12 9.32 6.04
N TYR A 222 1.35 8.60 7.13
CA TYR A 222 2.26 7.41 7.17
C TYR A 222 1.35 6.28 7.52
N PHE A 223 1.26 5.28 6.63
CA PHE A 223 0.42 4.10 6.89
C PHE A 223 1.30 2.90 7.14
N CYS A 224 0.88 2.03 8.03
CA CYS A 224 1.51 0.71 8.13
C CYS A 224 0.60 -0.36 7.60
N ALA A 225 1.19 -1.49 7.27
CA ALA A 225 0.44 -2.65 6.83
C ALA A 225 1.08 -3.85 7.37
N LEU A 226 0.26 -4.75 7.87
CA LEU A 226 0.72 -6.05 8.34
C LEU A 226 0.11 -7.21 7.55
N TRP A 227 0.88 -8.29 7.51
CA TRP A 227 0.53 -9.48 6.79
C TRP A 227 -0.01 -10.59 7.73
N TYR A 228 -1.17 -11.12 7.41
CA TYR A 228 -1.81 -12.16 8.23
C TYR A 228 -2.08 -13.37 7.37
N SER A 229 -1.03 -14.13 7.10
CA SER A 229 -1.14 -15.46 6.41
C SER A 229 -1.35 -15.35 4.92
N ASN A 230 -2.39 -14.61 4.52
CA ASN A 230 -2.76 -14.50 3.11
C ASN A 230 -3.52 -13.21 2.77
N HIS A 231 -3.44 -12.18 3.62
CA HIS A 231 -4.00 -10.88 3.27
C HIS A 231 -3.26 -9.82 4.03
N TRP A 232 -3.38 -8.59 3.59
CA TRP A 232 -2.78 -7.45 4.27
C TRP A 232 -3.89 -6.72 4.97
N VAL A 233 -3.60 -6.16 6.14
CA VAL A 233 -4.41 -5.13 6.71
C VAL A 233 -3.60 -3.83 6.88
N PHE A 234 -4.13 -2.74 6.37
CA PHE A 234 -3.56 -1.42 6.56
C PHE A 234 -4.12 -0.73 7.78
N GLY A 235 -3.25 -0.02 8.52
CA GLY A 235 -3.73 0.78 9.59
C GLY A 235 -4.39 2.05 9.11
N GLY A 236 -4.89 2.81 10.05
CA GLY A 236 -5.63 4.01 9.72
C GLY A 236 -4.78 5.17 9.21
N GLY A 237 -3.47 5.12 9.40
CA GLY A 237 -2.57 6.18 8.99
C GLY A 237 -2.34 7.20 10.08
N THR A 238 -1.13 7.70 10.18
CA THR A 238 -0.79 8.74 11.12
C THR A 238 -0.48 10.02 10.40
N LYS A 239 -1.18 11.07 10.73
CA LYS A 239 -0.91 12.35 10.06
C LYS A 239 0.30 13.07 10.69
N LEU A 240 1.40 13.22 9.95
CA LEU A 240 2.59 13.96 10.41
C LEU A 240 2.65 15.39 9.86
N THR A 241 2.61 16.34 10.81
CA THR A 241 2.76 17.76 10.52
C THR A 241 4.21 18.08 10.80
N VAL A 242 4.89 18.72 9.87
CA VAL A 242 6.24 19.11 10.12
C VAL A 242 6.28 20.62 10.17
N LEU A 243 6.40 21.59 11.36
CA LEU A 243 6.47 23.03 11.48
C LEU A 243 7.87 23.50 11.16
N GLY A 244 8.00 24.47 10.28
CA GLY A 244 9.29 25.06 9.93
C GLY A 244 9.90 24.43 8.69
N ALA B 1 6.90 -14.92 3.66
CA ALA B 1 5.56 -15.47 3.35
C ALA B 1 4.76 -14.65 2.31
N PRO B 2 4.75 -13.28 2.41
CA PRO B 2 4.36 -12.53 1.22
C PRO B 2 5.54 -12.43 0.25
N ASP B 3 5.50 -11.50 -0.70
CA ASP B 3 6.59 -11.42 -1.66
C ASP B 3 7.83 -10.78 -1.00
N SER B 4 8.70 -11.67 -0.51
CA SER B 4 9.93 -11.30 0.18
C SER B 4 11.12 -11.07 -0.77
N ARG B 5 10.86 -11.07 -2.07
CA ARG B 5 11.91 -10.90 -3.05
C ARG B 5 12.45 -9.45 -2.95
N PRO B 6 13.78 -9.28 -2.77
CA PRO B 6 14.40 -7.93 -2.75
C PRO B 6 14.21 -7.05 -3.99
#